data_9MDM
#
_entry.id   9MDM
#
_cell.length_a   41.402
_cell.length_b   99.327
_cell.length_c   120.006
_cell.angle_alpha   90.000
_cell.angle_beta   90.000
_cell.angle_gamma   90.000
#
_symmetry.space_group_name_H-M   'P 2 21 21'
#
loop_
_entity.id
_entity.type
_entity.pdbx_description
1 polymer 'Bacterial Ig-like domain protein C0362'
2 non-polymer 1,2-ETHANEDIOL
3 non-polymer 'PHOSPHATE ION'
4 non-polymer 'SODIUM ION'
5 water water
#
_entity_poly.entity_id   1
_entity_poly.type   'polypeptide(L)'
_entity_poly.pdbx_seq_one_letter_code
;MTVTIEIKKKPQIKYEEKQAVMPESAAGTYTFEVQTIDGKLDYEPYFTSSTLPWITGAPTISSRTDPNKDVISFTCLKNK
TVWNRRAYIKFKDKKTGQYIKGADGKADLTVNIIQKKNENPVVHYKWVDGIGAPTENQKIKMKIKNNGIETEDYFTDPFV
FKWKETADTKFYNVRKLDKLYVQGQFPSNYFVINGIRNEQIQGRDISQSWAKTASNMLHWWFEQNKDYIEQYKQKAAIEE
WKRPLYKHDYIRGLQDEDEGKKSNIANIFRAYSHNNARGGYIEDGLTWYLYKRDGQKNLGSIYPGLFNDVFAHDTSPINI
ERCETKKEFEQLMNKTLDNKRAIGIFWQGSKGNRPYQHAVTCWGAAYDEDNNIICLYIAESNLPEAVLYPFGVRYKGNIY
EEAEKNRTYMFNYALSKPENIYIDGLTTLDKGEDQWKKWLEAHQKGELNSKLEGKPIPNPLLGLDSTRTGHHHHHH
;
_entity_poly.pdbx_strand_id   A
#
loop_
_chem_comp.id
_chem_comp.type
_chem_comp.name
_chem_comp.formula
EDO non-polymer 1,2-ETHANEDIOL 'C2 H6 O2'
NA non-polymer 'SODIUM ION' 'Na 1'
PO4 non-polymer 'PHOSPHATE ION' 'O4 P -3'
#
# COMPACT_ATOMS: atom_id res chain seq x y z
N LYS A 8 -42.55 33.06 -30.51
CA LYS A 8 -41.83 33.22 -29.25
C LYS A 8 -40.49 32.50 -29.30
N LYS A 9 -39.48 33.07 -28.65
CA LYS A 9 -38.18 32.44 -28.56
C LYS A 9 -38.22 31.25 -27.61
N LYS A 10 -37.43 30.23 -27.93
CA LYS A 10 -37.32 29.12 -27.00
C LYS A 10 -36.37 29.49 -25.87
N PRO A 11 -36.75 29.25 -24.62
CA PRO A 11 -35.83 29.55 -23.51
C PRO A 11 -34.60 28.66 -23.57
N GLN A 12 -33.54 29.13 -22.93
CA GLN A 12 -32.29 28.41 -22.87
C GLN A 12 -31.79 28.37 -21.44
N ILE A 13 -30.85 27.48 -21.17
CA ILE A 13 -30.12 27.51 -19.91
C ILE A 13 -28.63 27.52 -20.21
N LYS A 14 -27.88 28.19 -19.33
CA LYS A 14 -26.43 28.27 -19.44
C LYS A 14 -25.83 28.07 -18.07
N TYR A 15 -24.60 27.53 -18.07
CA TYR A 15 -23.79 27.36 -16.88
C TYR A 15 -22.33 27.45 -17.31
N GLU A 16 -21.50 28.11 -16.50
CA GLU A 16 -20.06 28.16 -16.78
C GLU A 16 -19.43 26.87 -16.28
N GLU A 17 -19.20 25.92 -17.19
CA GLU A 17 -18.76 24.58 -16.79
C GLU A 17 -17.37 24.56 -16.18
N LYS A 18 -16.55 25.59 -16.40
CA LYS A 18 -15.26 25.66 -15.72
C LYS A 18 -15.41 25.81 -14.21
N GLN A 19 -16.57 26.27 -13.72
N GLN A 19 -16.60 26.16 -13.73
CA GLN A 19 -16.77 26.39 -12.28
CA GLN A 19 -16.87 26.38 -12.31
C GLN A 19 -17.31 25.07 -11.75
C GLN A 19 -17.37 25.07 -11.69
N ALA A 20 -16.51 24.39 -10.94
CA ALA A 20 -16.96 23.20 -10.25
C ALA A 20 -17.83 23.58 -9.06
N VAL A 21 -18.77 22.71 -8.73
CA VAL A 21 -19.63 22.85 -7.57
C VAL A 21 -19.05 21.98 -6.46
N MET A 22 -18.61 22.60 -5.35
CA MET A 22 -17.77 21.92 -4.37
C MET A 22 -18.38 21.97 -2.97
N PRO A 23 -19.32 21.08 -2.67
CA PRO A 23 -19.88 21.03 -1.32
C PRO A 23 -18.81 20.66 -0.30
N GLU A 24 -18.94 21.20 0.91
N GLU A 24 -18.96 21.18 0.91
CA GLU A 24 -18.09 20.80 2.02
CA GLU A 24 -18.09 20.77 2.00
C GLU A 24 -18.31 19.32 2.35
C GLU A 24 -18.31 19.30 2.33
N SER A 25 -17.44 18.77 3.21
CA SER A 25 -17.55 17.36 3.55
C SER A 25 -18.79 17.05 4.38
N ALA A 26 -19.38 18.03 5.05
CA ALA A 26 -20.54 17.78 5.88
C ALA A 26 -21.75 17.33 5.04
N ALA A 27 -22.58 16.46 5.62
CA ALA A 27 -23.86 16.12 5.02
C ALA A 27 -24.70 17.39 4.86
N GLY A 28 -25.51 17.41 3.81
CA GLY A 28 -26.42 18.54 3.64
C GLY A 28 -26.99 18.59 2.24
N THR A 29 -27.98 19.46 2.08
CA THR A 29 -28.54 19.75 0.77
C THR A 29 -27.83 21.00 0.26
N TYR A 30 -27.05 20.84 -0.80
CA TYR A 30 -26.26 21.91 -1.39
C TYR A 30 -26.89 22.37 -2.70
N THR A 31 -26.52 23.59 -3.12
CA THR A 31 -27.17 24.21 -4.26
C THR A 31 -26.15 24.86 -5.19
N PHE A 32 -26.57 25.02 -6.45
CA PHE A 32 -25.89 25.86 -7.41
C PHE A 32 -26.94 26.52 -8.29
N GLU A 33 -26.50 27.47 -9.10
CA GLU A 33 -27.39 28.26 -9.94
C GLU A 33 -27.15 27.97 -11.42
N VAL A 34 -28.23 27.95 -12.19
CA VAL A 34 -28.20 27.81 -13.64
C VAL A 34 -28.88 29.06 -14.22
N GLN A 35 -28.23 29.70 -15.19
N GLN A 35 -28.21 29.71 -15.17
CA GLN A 35 -28.79 30.90 -15.80
CA GLN A 35 -28.80 30.87 -15.82
C GLN A 35 -29.92 30.52 -16.75
C GLN A 35 -29.97 30.45 -16.69
N THR A 36 -31.06 31.22 -16.63
CA THR A 36 -32.23 30.97 -17.46
C THR A 36 -32.43 32.18 -18.37
N ILE A 37 -32.35 31.92 -19.68
CA ILE A 37 -32.35 32.94 -20.72
C ILE A 37 -33.67 32.89 -21.47
N ASP A 38 -34.27 34.05 -21.72
CA ASP A 38 -35.48 34.17 -22.52
C ASP A 38 -36.64 33.35 -21.95
N GLY A 39 -36.72 33.25 -20.62
CA GLY A 39 -37.80 32.52 -19.98
C GLY A 39 -37.29 31.33 -19.21
N LYS A 40 -38.22 30.43 -18.87
CA LYS A 40 -37.93 29.26 -18.01
C LYS A 40 -38.12 28.00 -18.84
N LEU A 41 -37.00 27.41 -19.26
CA LEU A 41 -37.04 26.17 -20.02
C LEU A 41 -37.58 25.04 -19.14
N ASP A 42 -38.41 24.19 -19.73
CA ASP A 42 -38.92 22.99 -19.03
C ASP A 42 -37.89 21.88 -19.17
N TYR A 43 -37.00 21.77 -18.19
CA TYR A 43 -35.95 20.75 -18.18
C TYR A 43 -35.95 20.01 -16.85
N GLU A 44 -35.23 18.89 -16.83
CA GLU A 44 -35.07 18.11 -15.61
C GLU A 44 -33.60 17.76 -15.42
N PRO A 45 -33.03 18.04 -14.25
CA PRO A 45 -31.64 17.66 -14.00
C PRO A 45 -31.52 16.20 -13.58
N TYR A 46 -30.37 15.61 -13.91
CA TYR A 46 -30.10 14.21 -13.62
C TYR A 46 -28.63 14.02 -13.32
N PHE A 47 -28.32 13.12 -12.40
CA PHE A 47 -26.96 12.64 -12.29
C PHE A 47 -26.65 11.67 -13.42
N THR A 48 -25.39 11.68 -13.87
CA THR A 48 -24.99 10.77 -14.94
C THR A 48 -24.85 9.34 -14.47
N SER A 49 -24.74 9.11 -13.16
CA SER A 49 -24.59 7.79 -12.58
C SER A 49 -25.78 7.48 -11.69
N SER A 50 -26.23 6.23 -11.73
CA SER A 50 -27.19 5.70 -10.78
C SER A 50 -26.52 5.00 -9.60
N THR A 51 -25.20 4.85 -9.61
CA THR A 51 -24.43 4.31 -8.50
C THR A 51 -23.68 5.47 -7.83
N LEU A 52 -24.45 6.30 -7.13
CA LEU A 52 -23.93 7.39 -6.32
C LEU A 52 -24.50 7.15 -4.92
N PRO A 53 -23.91 6.22 -4.16
CA PRO A 53 -24.45 5.93 -2.83
C PRO A 53 -24.35 7.10 -1.87
N TRP A 54 -23.49 8.07 -2.14
CA TRP A 54 -23.27 9.19 -1.21
C TRP A 54 -24.15 10.38 -1.54
N ILE A 55 -25.04 10.25 -2.51
CA ILE A 55 -26.02 11.27 -2.84
C ILE A 55 -27.40 10.64 -2.65
N THR A 56 -28.31 11.38 -2.00
CA THR A 56 -29.64 10.86 -1.68
C THR A 56 -30.61 11.40 -2.73
N GLY A 57 -30.96 10.57 -3.70
CA GLY A 57 -31.92 10.98 -4.71
C GLY A 57 -31.31 11.73 -5.87
N ALA A 58 -32.21 12.28 -6.67
CA ALA A 58 -31.92 13.05 -7.88
C ALA A 58 -31.75 14.53 -7.53
N PRO A 59 -31.11 15.32 -8.39
CA PRO A 59 -31.14 16.78 -8.17
C PRO A 59 -32.52 17.29 -8.51
N THR A 60 -32.86 18.44 -7.93
CA THR A 60 -34.14 19.07 -8.21
C THR A 60 -33.94 20.55 -8.47
N ILE A 61 -34.90 21.13 -9.18
CA ILE A 61 -35.02 22.58 -9.30
C ILE A 61 -35.77 23.05 -8.07
N SER A 62 -35.06 23.62 -7.10
CA SER A 62 -35.69 24.04 -5.85
C SER A 62 -36.18 25.48 -5.87
N SER A 63 -35.77 26.30 -6.84
CA SER A 63 -36.32 27.64 -6.95
C SER A 63 -36.25 28.15 -8.38
N ARG A 64 -37.34 28.77 -8.84
CA ARG A 64 -37.38 29.46 -10.14
C ARG A 64 -37.90 30.88 -9.99
N THR A 65 -37.92 31.38 -8.75
CA THR A 65 -38.54 32.68 -8.50
C THR A 65 -37.80 33.83 -9.17
N ASP A 66 -36.49 33.71 -9.30
CA ASP A 66 -35.69 34.74 -9.99
C ASP A 66 -35.77 34.48 -11.49
N PRO A 67 -36.31 35.42 -12.29
CA PRO A 67 -36.40 35.17 -13.74
C PRO A 67 -35.07 34.82 -14.38
N ASN A 68 -33.95 35.29 -13.81
CA ASN A 68 -32.66 35.10 -14.45
C ASN A 68 -31.95 33.80 -14.08
N LYS A 69 -32.38 33.10 -13.04
N LYS A 69 -32.39 33.08 -13.06
CA LYS A 69 -31.66 31.88 -12.64
CA LYS A 69 -31.66 31.88 -12.65
C LYS A 69 -32.58 30.89 -11.95
C LYS A 69 -32.56 30.90 -11.92
N ASP A 70 -32.23 29.61 -12.06
CA ASP A 70 -32.84 28.56 -11.28
C ASP A 70 -31.83 28.12 -10.22
N VAL A 71 -32.33 27.67 -9.08
CA VAL A 71 -31.49 27.02 -8.07
C VAL A 71 -31.69 25.51 -8.19
N ILE A 72 -30.58 24.78 -8.30
CA ILE A 72 -30.59 23.31 -8.31
C ILE A 72 -30.10 22.83 -6.96
N SER A 73 -30.83 21.88 -6.35
CA SER A 73 -30.48 21.30 -5.05
C SER A 73 -30.14 19.82 -5.20
N PHE A 74 -29.20 19.36 -4.37
CA PHE A 74 -28.91 17.94 -4.29
C PHE A 74 -28.40 17.66 -2.88
N THR A 75 -28.59 16.42 -2.42
CA THR A 75 -28.33 16.09 -1.02
C THR A 75 -27.19 15.07 -0.92
N CYS A 76 -26.15 15.44 -0.18
CA CYS A 76 -24.96 14.62 0.05
C CYS A 76 -24.95 14.03 1.45
N LEU A 77 -24.54 12.77 1.56
CA LEU A 77 -24.11 12.25 2.85
C LEU A 77 -22.79 12.91 3.25
N LYS A 78 -22.42 12.75 4.52
CA LYS A 78 -21.12 13.22 4.96
C LYS A 78 -20.03 12.48 4.20
N ASN A 79 -19.02 13.23 3.73
CA ASN A 79 -17.83 12.58 3.17
C ASN A 79 -16.89 12.29 4.33
N LYS A 80 -16.86 11.03 4.76
CA LYS A 80 -15.97 10.61 5.83
C LYS A 80 -14.55 10.33 5.34
N THR A 81 -14.37 10.13 4.04
CA THR A 81 -13.09 9.78 3.44
C THR A 81 -12.18 10.99 3.33
N VAL A 82 -10.88 10.73 3.16
CA VAL A 82 -9.92 11.81 2.98
C VAL A 82 -9.73 12.11 1.50
N TRP A 83 -10.70 11.77 0.65
CA TRP A 83 -10.62 12.02 -0.77
C TRP A 83 -11.82 12.85 -1.22
N ASN A 84 -11.57 13.77 -2.15
CA ASN A 84 -12.66 14.35 -2.93
C ASN A 84 -13.39 13.26 -3.72
N ARG A 85 -14.70 13.46 -3.94
CA ARG A 85 -15.48 12.51 -4.72
C ARG A 85 -16.36 13.26 -5.71
N ARG A 86 -16.57 12.65 -6.88
N ARG A 86 -16.59 12.66 -6.87
CA ARG A 86 -17.11 13.33 -8.05
CA ARG A 86 -17.11 13.38 -8.02
C ARG A 86 -18.47 12.78 -8.46
C ARG A 86 -18.41 12.80 -8.56
N ALA A 87 -19.34 13.70 -8.90
CA ALA A 87 -20.59 13.35 -9.57
C ALA A 87 -20.79 14.38 -10.68
N TYR A 88 -21.72 14.10 -11.59
CA TYR A 88 -21.93 14.96 -12.75
C TYR A 88 -23.41 15.11 -13.02
N ILE A 89 -23.87 16.34 -13.27
CA ILE A 89 -25.28 16.59 -13.55
C ILE A 89 -25.43 17.04 -14.99
N LYS A 90 -26.34 16.41 -15.71
CA LYS A 90 -26.78 16.85 -17.02
C LYS A 90 -28.25 17.25 -16.94
N PHE A 91 -28.79 17.73 -18.06
CA PHE A 91 -30.08 18.37 -18.08
C PHE A 91 -30.85 17.93 -19.32
N LYS A 92 -32.05 17.39 -19.12
CA LYS A 92 -32.85 16.88 -20.22
C LYS A 92 -33.99 17.84 -20.53
N ASP A 93 -34.07 18.25 -21.79
CA ASP A 93 -35.18 19.06 -22.31
C ASP A 93 -36.42 18.17 -22.34
N LYS A 94 -37.43 18.49 -21.52
CA LYS A 94 -38.56 17.58 -21.39
C LYS A 94 -39.46 17.57 -22.63
N LYS A 95 -39.44 18.65 -23.42
CA LYS A 95 -40.26 18.65 -24.63
C LYS A 95 -39.63 17.83 -25.75
N THR A 96 -38.31 17.93 -25.91
CA THR A 96 -37.61 17.25 -27.00
C THR A 96 -37.03 15.91 -26.58
N GLY A 97 -36.87 15.67 -25.28
CA GLY A 97 -36.24 14.47 -24.80
C GLY A 97 -34.74 14.42 -24.93
N GLN A 98 -34.12 15.47 -25.46
CA GLN A 98 -32.68 15.50 -25.69
C GLN A 98 -31.96 16.16 -24.52
N TYR A 99 -30.71 15.75 -24.31
CA TYR A 99 -29.88 16.48 -23.36
C TYR A 99 -29.56 17.86 -23.90
N ILE A 100 -29.56 18.83 -22.99
CA ILE A 100 -29.39 20.23 -23.33
C ILE A 100 -27.92 20.50 -23.63
N LYS A 101 -27.66 21.32 -24.64
CA LYS A 101 -26.30 21.55 -25.09
C LYS A 101 -25.62 22.61 -24.24
N GLY A 102 -24.32 22.46 -24.09
CA GLY A 102 -23.49 23.45 -23.43
C GLY A 102 -23.03 24.52 -24.40
N ALA A 103 -22.03 25.28 -23.95
CA ALA A 103 -21.65 26.51 -24.62
C ALA A 103 -21.26 26.29 -26.09
N ASP A 104 -20.55 25.18 -26.39
CA ASP A 104 -20.07 24.97 -27.76
C ASP A 104 -21.14 24.37 -28.67
N GLY A 105 -22.38 24.21 -28.21
CA GLY A 105 -23.44 23.72 -29.06
C GLY A 105 -23.35 22.25 -29.42
N LYS A 106 -22.34 21.55 -28.95
CA LYS A 106 -22.14 20.14 -29.30
C LYS A 106 -22.12 19.23 -28.09
N ALA A 107 -21.32 19.55 -27.07
CA ALA A 107 -21.29 18.74 -25.87
C ALA A 107 -22.55 18.96 -25.04
N ASP A 108 -22.91 17.92 -24.27
CA ASP A 108 -23.97 18.07 -23.28
C ASP A 108 -23.55 19.01 -22.16
N LEU A 109 -24.45 19.91 -21.78
CA LEU A 109 -24.21 20.74 -20.61
C LEU A 109 -24.03 19.85 -19.38
N THR A 110 -22.87 19.97 -18.72
CA THR A 110 -22.51 19.08 -17.63
C THR A 110 -21.94 19.91 -16.49
N VAL A 111 -22.52 19.78 -15.30
CA VAL A 111 -22.01 20.43 -14.10
C VAL A 111 -21.20 19.43 -13.30
N ASN A 112 -19.97 19.80 -12.97
CA ASN A 112 -19.08 18.94 -12.20
C ASN A 112 -19.27 19.17 -10.71
N ILE A 113 -19.63 18.11 -9.98
CA ILE A 113 -19.77 18.14 -8.53
C ILE A 113 -18.52 17.49 -7.93
N ILE A 114 -17.90 18.15 -6.96
CA ILE A 114 -16.75 17.55 -6.24
C ILE A 114 -17.01 17.81 -4.76
N GLN A 115 -17.48 16.79 -4.04
CA GLN A 115 -17.60 16.98 -2.60
C GLN A 115 -16.22 16.85 -1.96
N LYS A 116 -15.87 17.82 -1.13
CA LYS A 116 -14.53 17.91 -0.56
C LYS A 116 -14.29 16.82 0.46
N LYS A 117 -13.00 16.49 0.61
CA LYS A 117 -12.51 15.50 1.56
C LYS A 117 -12.78 15.92 3.01
N ASN A 118 -12.83 14.92 3.88
CA ASN A 118 -12.95 15.13 5.31
C ASN A 118 -11.62 15.66 5.86
N GLU A 119 -11.64 16.86 6.45
CA GLU A 119 -10.43 17.44 7.03
C GLU A 119 -10.12 16.92 8.43
N ASN A 120 -11.06 16.23 9.07
CA ASN A 120 -10.87 15.72 10.43
C ASN A 120 -11.32 14.26 10.51
N PRO A 121 -10.67 13.37 9.78
CA PRO A 121 -11.08 11.96 9.79
C PRO A 121 -10.71 11.28 11.08
N VAL A 122 -11.52 10.31 11.48
CA VAL A 122 -11.17 9.37 12.54
C VAL A 122 -10.59 8.14 11.87
N VAL A 123 -9.34 7.81 12.19
CA VAL A 123 -8.60 6.76 11.51
C VAL A 123 -8.42 5.60 12.47
N HIS A 124 -8.42 4.38 11.95
CA HIS A 124 -8.03 3.22 12.75
C HIS A 124 -6.98 2.42 11.99
N TYR A 125 -6.29 1.52 12.71
CA TYR A 125 -5.09 0.88 12.19
C TYR A 125 -5.15 -0.63 12.42
N LYS A 126 -4.58 -1.37 11.48
CA LYS A 126 -4.37 -2.81 11.62
C LYS A 126 -2.91 -3.10 11.34
N TRP A 127 -2.24 -3.74 12.28
CA TRP A 127 -0.82 -4.07 12.16
C TRP A 127 -0.69 -5.58 11.97
N VAL A 128 0.37 -5.98 11.26
CA VAL A 128 0.71 -7.40 11.18
C VAL A 128 0.78 -8.00 12.60
N ASP A 129 0.28 -9.22 12.74
CA ASP A 129 0.17 -9.84 14.05
C ASP A 129 1.53 -9.98 14.72
N GLY A 130 1.59 -9.62 16.00
CA GLY A 130 2.77 -9.89 16.80
C GLY A 130 3.86 -8.83 16.79
N ILE A 131 3.67 -7.71 16.07
CA ILE A 131 4.70 -6.68 16.04
C ILE A 131 4.33 -5.49 16.92
N GLY A 132 3.30 -5.62 17.75
CA GLY A 132 2.88 -4.49 18.56
C GLY A 132 2.24 -3.41 17.70
N ALA A 133 2.37 -2.17 18.17
CA ALA A 133 1.80 -1.00 17.50
C ALA A 133 2.63 0.20 17.89
N PRO A 134 2.73 1.21 17.03
CA PRO A 134 3.56 2.38 17.37
C PRO A 134 3.01 3.14 18.57
N THR A 135 3.93 3.54 19.45
CA THR A 135 3.59 4.50 20.47
C THR A 135 3.61 5.90 19.89
N GLU A 136 3.01 6.85 20.62
CA GLU A 136 3.05 8.22 20.11
C GLU A 136 4.48 8.72 19.97
N ASN A 137 5.36 8.37 20.91
CA ASN A 137 6.76 8.75 20.80
C ASN A 137 7.46 8.14 19.60
N GLN A 138 6.95 7.05 19.05
CA GLN A 138 7.58 6.41 17.89
C GLN A 138 7.07 6.92 16.55
N LYS A 139 6.09 7.84 16.54
CA LYS A 139 5.51 8.33 15.30
C LYS A 139 6.16 9.67 14.97
N ILE A 140 6.75 9.76 13.78
CA ILE A 140 7.51 10.95 13.38
C ILE A 140 6.78 11.61 12.22
N LYS A 141 6.35 12.86 12.41
CA LYS A 141 5.69 13.58 11.33
C LYS A 141 6.71 13.97 10.25
N MET A 142 6.19 14.32 9.06
CA MET A 142 7.03 14.48 7.87
C MET A 142 6.83 15.85 7.24
N LYS A 143 7.95 16.45 6.86
CA LYS A 143 7.91 17.71 6.14
C LYS A 143 7.59 17.49 4.66
N ILE A 144 6.88 18.44 4.09
CA ILE A 144 6.57 18.42 2.68
C ILE A 144 7.78 18.92 1.91
N LYS A 145 8.14 18.21 0.84
CA LYS A 145 9.25 18.59 -0.01
C LYS A 145 8.75 19.31 -1.25
N ASN A 146 9.59 20.17 -1.79
N ASN A 146 9.58 20.20 -1.77
CA ASN A 146 9.32 20.85 -3.05
CA ASN A 146 9.33 20.86 -3.05
C ASN A 146 10.64 20.94 -3.81
C ASN A 146 10.64 20.93 -3.81
N ASN A 147 10.65 20.37 -5.03
CA ASN A 147 11.85 20.32 -5.86
C ASN A 147 13.01 19.66 -5.10
N GLY A 148 12.68 18.61 -4.34
CA GLY A 148 13.67 17.88 -3.58
C GLY A 148 14.15 18.57 -2.33
N ILE A 149 13.58 19.71 -1.96
CA ILE A 149 13.99 20.46 -0.78
C ILE A 149 12.83 20.47 0.21
N GLU A 150 13.12 20.12 1.46
CA GLU A 150 12.12 20.21 2.51
C GLU A 150 11.65 21.65 2.67
N THR A 151 10.34 21.84 2.62
CA THR A 151 9.77 23.13 2.99
C THR A 151 9.63 23.20 4.50
N GLU A 152 9.06 24.29 5.00
CA GLU A 152 8.75 24.41 6.40
C GLU A 152 7.39 23.82 6.76
N ASP A 153 6.67 23.31 5.78
CA ASP A 153 5.35 22.74 5.99
C ASP A 153 5.44 21.24 6.26
N TYR A 154 4.45 20.72 6.99
CA TYR A 154 4.37 19.31 7.36
C TYR A 154 3.07 18.72 6.82
N PHE A 155 3.08 17.42 6.52
CA PHE A 155 1.83 16.74 6.22
C PHE A 155 1.00 16.66 7.48
N THR A 156 -0.28 17.03 7.39
CA THR A 156 -1.11 17.16 8.57
C THR A 156 -2.11 16.02 8.76
N ASP A 157 -2.27 15.13 7.78
CA ASP A 157 -3.18 14.01 7.96
C ASP A 157 -2.65 13.12 9.08
N PRO A 158 -3.52 12.63 9.98
CA PRO A 158 -3.01 11.97 11.20
C PRO A 158 -2.31 10.65 10.94
N PHE A 159 -2.58 10.01 9.81
CA PHE A 159 -1.93 8.75 9.46
C PHE A 159 -0.59 8.95 8.79
N VAL A 160 -0.18 10.18 8.51
CA VAL A 160 1.07 10.41 7.80
C VAL A 160 2.15 10.53 8.88
N PHE A 161 2.78 9.39 9.18
CA PHE A 161 3.92 9.36 10.09
C PHE A 161 4.85 8.25 9.68
N LYS A 162 6.14 8.45 9.98
CA LYS A 162 7.10 7.36 9.97
C LYS A 162 7.03 6.64 11.30
N TRP A 163 7.14 5.31 11.27
CA TRP A 163 7.23 4.53 12.50
C TRP A 163 8.72 4.31 12.76
N LYS A 164 9.27 5.02 13.74
N LYS A 164 9.27 5.03 13.74
CA LYS A 164 10.70 4.98 14.02
CA LYS A 164 10.68 4.97 14.04
C LYS A 164 11.07 3.67 14.71
C LYS A 164 11.03 3.63 14.69
N GLU A 165 12.11 3.01 14.21
CA GLU A 165 12.66 1.86 14.91
C GLU A 165 13.38 2.32 16.18
N THR A 166 13.12 1.61 17.28
CA THR A 166 13.79 1.85 18.55
C THR A 166 14.17 0.50 19.14
N ALA A 167 14.82 0.54 20.32
CA ALA A 167 15.13 -0.70 21.02
C ALA A 167 13.88 -1.53 21.29
N ASP A 168 12.72 -0.90 21.33
CA ASP A 168 11.49 -1.53 21.78
C ASP A 168 10.55 -1.94 20.65
N THR A 169 10.86 -1.63 19.40
CA THR A 169 9.90 -1.94 18.34
C THR A 169 10.13 -3.35 17.80
N LYS A 170 9.09 -3.89 17.16
CA LYS A 170 9.11 -5.31 16.81
C LYS A 170 8.92 -5.61 15.33
N PHE A 171 8.87 -4.58 14.48
CA PHE A 171 8.92 -4.82 13.04
C PHE A 171 10.38 -5.03 12.62
N TYR A 172 10.58 -5.37 11.34
CA TYR A 172 11.92 -5.55 10.78
C TYR A 172 12.04 -4.75 9.49
N ASN A 173 13.19 -4.08 9.32
CA ASN A 173 13.47 -3.30 8.10
C ASN A 173 14.97 -3.38 7.81
N VAL A 174 15.41 -4.49 7.21
CA VAL A 174 16.81 -4.62 6.79
C VAL A 174 17.03 -3.75 5.55
N ARG A 175 18.12 -2.95 5.58
CA ARG A 175 18.34 -1.97 4.53
C ARG A 175 19.48 -2.40 3.60
N LYS A 176 19.42 -1.95 2.34
CA LYS A 176 20.49 -2.28 1.40
C LYS A 176 21.77 -1.56 1.77
N LEU A 177 22.84 -2.32 2.01
CA LEU A 177 24.15 -1.69 2.23
C LEU A 177 24.56 -0.87 1.02
N ASP A 178 24.23 -1.32 -0.19
CA ASP A 178 24.60 -0.60 -1.41
C ASP A 178 23.90 0.74 -1.52
N LYS A 179 22.79 0.95 -0.82
CA LYS A 179 22.11 2.25 -0.80
C LYS A 179 22.61 3.14 0.34
N LEU A 180 22.88 2.56 1.52
CA LEU A 180 23.39 3.36 2.65
C LEU A 180 24.81 3.84 2.39
N TYR A 181 25.61 3.00 1.72
CA TYR A 181 27.04 3.22 1.54
C TYR A 181 27.35 4.59 0.93
N VAL A 182 28.27 5.31 1.56
CA VAL A 182 28.80 6.55 1.04
C VAL A 182 30.28 6.34 0.75
N GLN A 183 30.66 6.42 -0.53
CA GLN A 183 32.04 6.21 -0.92
C GLN A 183 32.95 7.23 -0.23
N GLY A 184 34.06 6.75 0.33
CA GLY A 184 35.01 7.60 1.01
C GLY A 184 34.69 7.90 2.46
N GLN A 185 33.51 7.53 2.94
CA GLN A 185 33.15 7.82 4.31
C GLN A 185 32.79 6.59 5.13
N PHE A 186 32.44 5.49 4.51
CA PHE A 186 32.11 4.28 5.23
C PHE A 186 33.35 3.42 5.42
N PRO A 187 33.32 2.46 6.35
CA PRO A 187 34.46 1.56 6.51
C PRO A 187 34.73 0.78 5.22
N SER A 188 36.01 0.55 4.93
CA SER A 188 36.38 -0.15 3.71
C SER A 188 35.94 -1.60 3.72
N ASN A 189 35.69 -2.18 4.90
CA ASN A 189 35.19 -3.54 5.00
C ASN A 189 33.68 -3.59 5.19
N TYR A 190 32.97 -2.51 4.82
CA TYR A 190 31.53 -2.40 5.08
C TYR A 190 30.76 -3.62 4.61
N PHE A 191 31.12 -4.15 3.44
CA PHE A 191 30.34 -5.21 2.83
C PHE A 191 30.81 -6.61 3.20
N VAL A 192 31.78 -6.75 4.08
CA VAL A 192 32.36 -8.07 4.36
C VAL A 192 31.42 -8.87 5.24
N ILE A 193 31.18 -10.12 4.85
CA ILE A 193 30.37 -11.06 5.61
C ILE A 193 31.24 -12.23 6.03
N ASN A 194 31.09 -12.67 7.26
CA ASN A 194 31.73 -13.89 7.73
C ASN A 194 30.78 -15.05 7.45
N GLY A 195 31.12 -15.86 6.44
CA GLY A 195 30.25 -16.90 5.97
C GLY A 195 30.13 -18.08 6.93
N ILE A 196 29.40 -19.11 6.48
CA ILE A 196 29.04 -20.20 7.37
C ILE A 196 30.23 -21.09 7.72
N ARG A 197 31.27 -21.11 6.89
CA ARG A 197 32.54 -21.73 7.22
C ARG A 197 33.59 -20.70 7.64
N ASN A 198 33.16 -19.58 8.21
CA ASN A 198 34.03 -18.46 8.61
C ASN A 198 34.82 -17.90 7.43
N GLU A 199 34.39 -18.15 6.20
CA GLU A 199 35.03 -17.56 5.03
C GLU A 199 34.57 -16.12 4.86
N GLN A 200 35.44 -15.29 4.27
CA GLN A 200 35.19 -13.87 4.12
C GLN A 200 34.60 -13.58 2.75
N ILE A 201 33.45 -12.91 2.72
CA ILE A 201 32.68 -12.69 1.50
C ILE A 201 32.33 -11.21 1.40
N GLN A 202 32.56 -10.62 0.23
CA GLN A 202 32.08 -9.27 -0.09
C GLN A 202 30.71 -9.41 -0.76
N GLY A 203 29.64 -9.21 0.00
CA GLY A 203 28.30 -9.32 -0.53
C GLY A 203 27.69 -7.95 -0.79
N ARG A 204 27.16 -7.77 -1.99
CA ARG A 204 26.49 -6.54 -2.39
C ARG A 204 25.01 -6.85 -2.61
N ASP A 205 24.17 -5.81 -2.52
CA ASP A 205 22.73 -6.04 -2.44
C ASP A 205 21.91 -4.99 -3.19
N ILE A 206 22.50 -4.37 -4.21
CA ILE A 206 21.84 -3.25 -4.88
C ILE A 206 20.52 -3.67 -5.55
N SER A 207 20.41 -4.93 -5.98
CA SER A 207 19.21 -5.38 -6.67
C SER A 207 18.43 -6.41 -5.85
N GLN A 208 18.59 -6.39 -4.53
CA GLN A 208 18.05 -7.45 -3.68
C GLN A 208 16.80 -7.03 -2.90
N SER A 209 15.94 -6.17 -3.44
CA SER A 209 14.77 -5.81 -2.63
C SER A 209 13.89 -7.01 -2.34
N TRP A 210 13.80 -7.96 -3.28
CA TRP A 210 13.09 -9.21 -3.02
C TRP A 210 13.65 -9.93 -1.80
N ALA A 211 14.97 -9.91 -1.61
CA ALA A 211 15.61 -10.65 -0.52
C ALA A 211 15.53 -9.87 0.80
N LYS A 212 15.56 -8.54 0.75
CA LYS A 212 15.33 -7.79 1.96
C LYS A 212 13.91 -7.99 2.46
N THR A 213 12.94 -8.00 1.54
CA THR A 213 11.55 -8.24 1.90
C THR A 213 11.38 -9.65 2.45
N ALA A 214 11.94 -10.65 1.77
CA ALA A 214 11.90 -12.01 2.33
C ALA A 214 12.54 -12.06 3.71
N SER A 215 13.69 -11.39 3.90
CA SER A 215 14.38 -11.43 5.19
C SER A 215 13.53 -10.82 6.30
N ASN A 216 12.89 -9.68 6.04
CA ASN A 216 12.03 -9.09 7.07
C ASN A 216 10.92 -10.04 7.46
N MET A 217 10.29 -10.68 6.47
CA MET A 217 9.20 -11.60 6.74
C MET A 217 9.69 -12.83 7.48
N LEU A 218 10.88 -13.31 7.13
CA LEU A 218 11.48 -14.46 7.81
C LEU A 218 11.86 -14.14 9.25
N HIS A 219 12.37 -12.93 9.52
CA HIS A 219 12.63 -12.55 10.91
C HIS A 219 11.36 -12.63 11.74
N TRP A 220 10.26 -12.09 11.20
CA TRP A 220 8.97 -12.18 11.89
C TRP A 220 8.56 -13.64 12.10
N TRP A 221 8.73 -14.47 11.09
CA TRP A 221 8.32 -15.86 11.18
C TRP A 221 9.13 -16.64 12.22
N PHE A 222 10.46 -16.45 12.24
CA PHE A 222 11.28 -17.08 13.27
C PHE A 222 10.87 -16.61 14.66
N GLU A 223 10.51 -15.34 14.80
CA GLU A 223 10.09 -14.84 16.10
C GLU A 223 8.73 -15.43 16.51
N GLN A 224 7.76 -15.44 15.58
CA GLN A 224 6.44 -15.95 15.94
C GLN A 224 6.49 -17.44 16.25
N ASN A 225 7.34 -18.17 15.54
CA ASN A 225 7.44 -19.62 15.67
C ASN A 225 8.59 -20.03 16.58
N LYS A 226 9.11 -19.12 17.41
CA LYS A 226 10.36 -19.43 18.10
C LYS A 226 10.26 -20.67 18.97
N ASP A 227 9.08 -20.93 19.56
CA ASP A 227 8.97 -22.12 20.41
C ASP A 227 8.93 -23.40 19.58
N TYR A 228 8.26 -23.37 18.42
CA TYR A 228 8.28 -24.53 17.53
C TYR A 228 9.70 -24.79 17.03
N ILE A 229 10.42 -23.73 16.68
CA ILE A 229 11.76 -23.85 16.15
C ILE A 229 12.71 -24.39 17.21
N GLU A 230 12.51 -23.99 18.48
N GLU A 230 12.50 -24.02 18.48
CA GLU A 230 13.31 -24.58 19.55
CA GLU A 230 13.32 -24.59 19.54
C GLU A 230 13.06 -26.08 19.65
C GLU A 230 13.06 -26.08 19.69
N GLN A 231 11.81 -26.51 19.51
CA GLN A 231 11.51 -27.95 19.51
C GLN A 231 12.16 -28.64 18.32
N TYR A 232 12.14 -27.98 17.16
CA TYR A 232 12.81 -28.52 15.98
C TYR A 232 14.28 -28.73 16.23
N LYS A 233 14.96 -27.73 16.78
CA LYS A 233 16.39 -27.86 17.09
C LYS A 233 16.64 -29.00 18.07
N GLN A 234 15.69 -29.28 18.95
CA GLN A 234 15.90 -30.36 19.91
C GLN A 234 15.59 -31.73 19.35
N LYS A 235 14.64 -31.82 18.42
CA LYS A 235 14.09 -33.12 18.03
C LYS A 235 14.41 -33.54 16.62
N ALA A 236 14.70 -32.60 15.71
CA ALA A 236 14.98 -32.94 14.33
C ALA A 236 16.41 -33.44 14.18
N ALA A 237 16.64 -34.20 13.11
CA ALA A 237 17.99 -34.66 12.77
C ALA A 237 18.56 -33.63 11.81
N ILE A 238 19.22 -32.63 12.36
CA ILE A 238 19.60 -31.46 11.56
C ILE A 238 20.87 -31.76 10.77
N GLU A 239 20.87 -31.41 9.49
CA GLU A 239 22.05 -31.61 8.67
C GLU A 239 23.19 -30.78 9.24
N GLU A 240 24.38 -31.38 9.35
CA GLU A 240 25.48 -30.77 10.10
C GLU A 240 25.74 -29.33 9.65
N TRP A 241 25.87 -29.10 8.34
CA TRP A 241 26.25 -27.77 7.89
C TRP A 241 25.18 -26.72 8.17
N LYS A 242 23.92 -27.11 8.35
CA LYS A 242 22.86 -26.13 8.55
C LYS A 242 22.69 -25.70 9.99
N ARG A 243 23.34 -26.36 10.94
CA ARG A 243 23.08 -26.06 12.35
C ARG A 243 23.24 -24.59 12.70
N PRO A 244 24.23 -23.85 12.19
CA PRO A 244 24.33 -22.41 12.52
C PRO A 244 23.16 -21.56 12.04
N LEU A 245 22.36 -22.03 11.09
CA LEU A 245 21.33 -21.19 10.49
C LEU A 245 20.01 -21.19 11.23
N TYR A 246 19.90 -21.88 12.37
CA TYR A 246 18.64 -21.99 13.10
C TYR A 246 18.62 -20.93 14.20
N LYS A 247 18.49 -19.69 13.75
CA LYS A 247 18.86 -18.48 14.47
C LYS A 247 18.43 -17.27 13.66
N HIS A 248 17.76 -16.33 14.31
N HIS A 248 18.08 -16.17 14.34
CA HIS A 248 17.49 -15.03 13.70
CA HIS A 248 17.43 -15.03 13.67
C HIS A 248 18.00 -14.02 14.70
C HIS A 248 17.77 -13.67 14.31
N ASP A 249 19.04 -13.29 14.30
CA ASP A 249 19.52 -12.12 15.02
C ASP A 249 19.22 -10.88 14.21
N TYR A 250 18.64 -9.88 14.87
CA TYR A 250 18.31 -8.59 14.22
C TYR A 250 18.63 -7.57 15.30
N ILE A 251 19.74 -6.86 15.13
N ILE A 251 19.77 -6.89 15.15
CA ILE A 251 20.34 -6.06 16.21
CA ILE A 251 20.32 -6.05 16.21
C ILE A 251 19.94 -4.60 16.02
C ILE A 251 19.88 -4.61 15.96
N ARG A 252 18.99 -4.13 16.82
CA ARG A 252 18.55 -2.74 16.71
C ARG A 252 19.56 -1.78 17.34
N GLY A 253 19.55 -0.53 16.84
CA GLY A 253 20.36 0.53 17.43
C GLY A 253 21.72 0.74 16.82
N LEU A 254 22.00 0.04 15.71
CA LEU A 254 23.27 0.17 15.01
C LEU A 254 23.27 1.42 14.14
N GLN A 255 24.45 2.01 13.99
CA GLN A 255 24.66 3.08 13.02
C GLN A 255 24.59 2.52 11.60
N ASP A 256 24.35 3.41 10.63
CA ASP A 256 24.27 2.99 9.23
C ASP A 256 25.54 2.26 8.82
N GLU A 257 26.69 2.72 9.30
CA GLU A 257 27.98 2.12 8.97
C GLU A 257 28.14 0.71 9.52
N ASP A 258 27.19 0.23 10.34
CA ASP A 258 27.26 -1.10 10.92
C ASP A 258 26.15 -2.01 10.41
N GLU A 259 25.49 -1.63 9.31
CA GLU A 259 24.33 -2.38 8.83
C GLU A 259 24.68 -3.80 8.46
N GLY A 260 25.93 -4.06 8.06
CA GLY A 260 26.32 -5.44 7.74
C GLY A 260 26.40 -6.36 8.93
N LYS A 261 26.35 -5.81 10.14
CA LYS A 261 26.38 -6.62 11.36
C LYS A 261 25.00 -6.76 11.99
N LYS A 262 23.94 -6.38 11.27
CA LYS A 262 22.62 -6.27 11.89
C LYS A 262 21.78 -7.55 11.81
N SER A 263 21.76 -8.24 10.67
CA SER A 263 20.81 -9.32 10.44
C SER A 263 21.50 -10.54 9.85
N ASN A 264 21.43 -11.68 10.54
CA ASN A 264 22.04 -12.87 9.95
C ASN A 264 21.28 -13.36 8.73
N ILE A 265 19.94 -13.23 8.73
CA ILE A 265 19.15 -13.70 7.60
C ILE A 265 19.46 -12.86 6.35
N ALA A 266 19.41 -11.53 6.47
CA ALA A 266 19.72 -10.71 5.32
C ALA A 266 21.14 -10.98 4.83
N ASN A 267 22.06 -11.24 5.76
CA ASN A 267 23.44 -11.53 5.37
C ASN A 267 23.56 -12.85 4.62
N ILE A 268 22.73 -13.84 4.96
CA ILE A 268 22.75 -15.10 4.21
C ILE A 268 22.36 -14.86 2.75
N PHE A 269 21.31 -14.07 2.52
CA PHE A 269 20.96 -13.72 1.14
C PHE A 269 22.08 -12.92 0.47
N ARG A 270 22.67 -11.98 1.18
CA ARG A 270 23.68 -11.12 0.57
C ARG A 270 24.98 -11.87 0.30
N ALA A 271 25.29 -12.89 1.10
CA ALA A 271 26.53 -13.64 0.88
C ALA A 271 26.35 -14.72 -0.19
N TYR A 272 25.20 -15.38 -0.22
CA TYR A 272 25.10 -16.65 -0.94
C TYR A 272 24.11 -16.65 -2.10
N SER A 273 23.24 -15.65 -2.22
CA SER A 273 22.28 -15.62 -3.32
C SER A 273 22.96 -15.18 -4.61
N HIS A 274 22.61 -15.84 -5.71
CA HIS A 274 23.14 -15.45 -7.00
C HIS A 274 22.46 -14.16 -7.48
N ASN A 275 23.17 -13.44 -8.34
CA ASN A 275 22.76 -12.09 -8.72
C ASN A 275 21.84 -12.08 -9.92
N ASN A 276 21.00 -11.05 -9.99
CA ASN A 276 20.15 -10.79 -11.15
C ASN A 276 19.78 -9.32 -11.15
N ALA A 277 20.19 -8.59 -12.19
CA ALA A 277 19.87 -7.17 -12.27
C ALA A 277 18.38 -6.92 -12.49
N ARG A 278 17.65 -7.91 -13.01
CA ARG A 278 16.20 -7.84 -13.13
C ARG A 278 15.49 -8.19 -11.83
N GLY A 279 16.19 -8.12 -10.70
CA GLY A 279 15.61 -8.44 -9.41
C GLY A 279 15.35 -9.93 -9.24
N GLY A 280 14.41 -10.21 -8.35
CA GLY A 280 14.01 -11.57 -8.05
C GLY A 280 12.59 -11.56 -7.53
N TYR A 281 12.18 -12.63 -6.86
CA TYR A 281 10.81 -12.73 -6.37
C TYR A 281 10.83 -13.02 -4.88
N ILE A 282 10.00 -12.27 -4.12
CA ILE A 282 9.88 -12.49 -2.68
C ILE A 282 9.67 -13.98 -2.39
N GLU A 283 8.71 -14.58 -3.09
CA GLU A 283 8.35 -15.96 -2.80
C GLU A 283 9.51 -16.92 -3.04
N ASP A 284 10.40 -16.59 -3.98
CA ASP A 284 11.54 -17.47 -4.25
C ASP A 284 12.50 -17.49 -3.06
N GLY A 285 12.81 -16.31 -2.52
CA GLY A 285 13.67 -16.25 -1.34
C GLY A 285 13.05 -16.92 -0.14
N LEU A 286 11.74 -16.77 0.04
CA LEU A 286 11.07 -17.43 1.15
C LEU A 286 11.14 -18.94 1.02
N THR A 287 10.83 -19.46 -0.17
CA THR A 287 10.91 -20.90 -0.40
C THR A 287 12.32 -21.41 -0.13
N TRP A 288 13.32 -20.72 -0.68
CA TRP A 288 14.72 -21.09 -0.55
C TRP A 288 15.13 -21.25 0.90
N TYR A 289 14.66 -20.35 1.76
CA TYR A 289 15.03 -20.41 3.17
C TYR A 289 14.33 -21.55 3.90
N LEU A 290 13.12 -21.92 3.47
CA LEU A 290 12.24 -22.74 4.29
C LEU A 290 12.15 -24.21 3.86
N TYR A 291 12.12 -24.52 2.56
CA TYR A 291 11.97 -25.92 2.14
C TYR A 291 12.47 -26.08 0.71
N LYS A 292 12.62 -27.34 0.29
CA LYS A 292 13.26 -27.66 -0.97
C LYS A 292 12.26 -27.61 -2.12
N ARG A 293 12.60 -26.85 -3.16
CA ARG A 293 11.89 -26.85 -4.44
C ARG A 293 12.92 -26.79 -5.56
N ASP A 294 12.70 -27.62 -6.59
CA ASP A 294 13.64 -27.66 -7.71
C ASP A 294 13.83 -26.29 -8.36
N GLY A 295 12.75 -25.48 -8.40
CA GLY A 295 12.85 -24.18 -9.05
C GLY A 295 13.90 -23.29 -8.43
N GLN A 296 14.11 -23.38 -7.12
CA GLN A 296 15.06 -22.56 -6.40
C GLN A 296 16.43 -23.24 -6.24
N LYS A 297 16.66 -24.35 -6.94
CA LYS A 297 17.94 -25.06 -6.83
C LYS A 297 19.12 -24.17 -7.20
N ASN A 298 18.91 -23.21 -8.11
CA ASN A 298 19.97 -22.34 -8.59
C ASN A 298 19.86 -20.91 -8.06
N LEU A 299 19.06 -20.70 -7.01
CA LEU A 299 18.95 -19.35 -6.44
C LEU A 299 20.27 -18.90 -5.83
N GLY A 300 20.95 -19.78 -5.09
CA GLY A 300 22.18 -19.43 -4.41
C GLY A 300 23.18 -20.56 -4.46
N SER A 301 24.37 -20.29 -3.91
CA SER A 301 25.42 -21.31 -3.87
C SER A 301 25.21 -22.32 -2.75
N ILE A 302 24.26 -22.06 -1.85
CA ILE A 302 23.80 -23.01 -0.85
C ILE A 302 22.28 -23.04 -0.94
N TYR A 303 21.68 -24.06 -0.31
CA TYR A 303 20.22 -24.16 -0.22
C TYR A 303 19.83 -24.40 1.23
N PRO A 304 19.42 -23.37 1.97
CA PRO A 304 19.07 -23.56 3.39
C PRO A 304 17.96 -24.58 3.60
N GLY A 305 16.79 -24.37 2.99
CA GLY A 305 15.66 -25.28 3.11
C GLY A 305 15.48 -25.82 4.52
N LEU A 306 15.39 -24.90 5.49
CA LEU A 306 15.66 -25.26 6.89
C LEU A 306 14.57 -26.08 7.54
N PHE A 307 13.35 -26.07 6.99
CA PHE A 307 12.25 -26.79 7.60
C PHE A 307 11.54 -27.64 6.57
N ASN A 308 12.34 -28.28 5.69
CA ASN A 308 11.77 -29.07 4.60
C ASN A 308 10.87 -30.17 5.14
N ASP A 309 11.32 -30.82 6.23
N ASP A 309 11.28 -30.83 6.23
CA ASP A 309 10.56 -31.87 6.89
CA ASP A 309 10.45 -31.92 6.73
C ASP A 309 9.17 -31.41 7.30
C ASP A 309 9.22 -31.44 7.50
N VAL A 310 9.02 -30.13 7.64
CA VAL A 310 7.76 -29.62 8.17
C VAL A 310 6.76 -29.32 7.05
N PHE A 311 7.24 -28.88 5.90
N PHE A 311 7.23 -28.88 5.90
CA PHE A 311 6.33 -28.38 4.86
CA PHE A 311 6.33 -28.38 4.86
C PHE A 311 6.34 -29.19 3.58
C PHE A 311 6.34 -29.20 3.58
N ALA A 312 7.24 -30.16 3.43
CA ALA A 312 7.23 -31.01 2.25
C ALA A 312 5.92 -31.80 2.19
N HIS A 313 5.26 -31.75 1.04
CA HIS A 313 4.05 -32.52 0.73
C HIS A 313 2.84 -32.02 1.51
N ASP A 314 2.91 -30.83 2.09
CA ASP A 314 1.82 -30.23 2.84
C ASP A 314 1.56 -28.84 2.29
N THR A 315 0.63 -28.13 2.90
CA THR A 315 0.35 -26.75 2.51
C THR A 315 1.61 -25.89 2.61
N SER A 316 1.91 -25.17 1.53
CA SER A 316 2.95 -24.16 1.64
C SER A 316 2.42 -22.98 2.45
N PRO A 317 3.22 -22.42 3.34
CA PRO A 317 2.82 -21.20 4.03
C PRO A 317 3.04 -19.94 3.21
N ILE A 318 3.52 -20.07 1.97
CA ILE A 318 3.78 -18.93 1.09
C ILE A 318 2.68 -18.85 0.05
N ASN A 319 2.11 -17.66 -0.16
CA ASN A 319 1.15 -17.46 -1.24
C ASN A 319 1.49 -16.20 -2.02
N ILE A 320 1.02 -16.19 -3.26
CA ILE A 320 1.18 -15.09 -4.21
C ILE A 320 -0.21 -14.77 -4.77
N GLU A 321 -0.65 -13.52 -4.64
CA GLU A 321 -1.92 -13.12 -5.23
C GLU A 321 -1.77 -11.75 -5.88
N ARG A 322 -2.60 -11.51 -6.89
CA ARG A 322 -2.60 -10.23 -7.58
C ARG A 322 -3.89 -9.48 -7.27
N CYS A 323 -3.83 -8.16 -7.46
CA CYS A 323 -5.02 -7.32 -7.28
C CYS A 323 -5.02 -6.22 -8.33
N GLU A 324 -6.16 -6.05 -8.99
CA GLU A 324 -6.32 -5.04 -10.03
C GLU A 324 -7.41 -4.03 -9.73
N THR A 325 -8.19 -4.21 -8.66
CA THR A 325 -9.24 -3.30 -8.27
C THR A 325 -9.09 -2.95 -6.80
N LYS A 326 -9.77 -1.88 -6.39
CA LYS A 326 -9.82 -1.52 -4.97
C LYS A 326 -10.38 -2.67 -4.15
N LYS A 327 -11.47 -3.27 -4.63
CA LYS A 327 -12.09 -4.38 -3.91
C LYS A 327 -11.13 -5.55 -3.74
N GLU A 328 -10.44 -5.92 -4.81
CA GLU A 328 -9.45 -7.00 -4.72
C GLU A 328 -8.32 -6.64 -3.74
N PHE A 329 -7.85 -5.39 -3.78
CA PHE A 329 -6.74 -5.02 -2.90
C PHE A 329 -7.16 -5.07 -1.44
N GLU A 330 -8.34 -4.51 -1.11
N GLU A 330 -8.33 -4.50 -1.11
CA GLU A 330 -8.74 -4.45 0.29
CA GLU A 330 -8.76 -4.45 0.28
C GLU A 330 -9.12 -5.83 0.83
C GLU A 330 -9.08 -5.83 0.82
N GLN A 331 -9.73 -6.69 0.02
CA GLN A 331 -10.02 -8.03 0.49
C GLN A 331 -8.74 -8.81 0.74
N LEU A 332 -7.74 -8.63 -0.12
CA LEU A 332 -6.47 -9.31 0.05
C LEU A 332 -5.73 -8.81 1.29
N MET A 333 -5.70 -7.49 1.48
CA MET A 333 -5.03 -6.92 2.66
C MET A 333 -5.72 -7.35 3.94
N ASN A 334 -7.05 -7.27 3.97
CA ASN A 334 -7.80 -7.63 5.16
C ASN A 334 -7.66 -9.13 5.46
N LYS A 335 -7.81 -9.97 4.43
CA LYS A 335 -7.61 -11.40 4.65
C LYS A 335 -6.22 -11.68 5.21
N THR A 336 -5.21 -11.00 4.69
CA THR A 336 -3.85 -11.24 5.14
C THR A 336 -3.65 -10.77 6.58
N LEU A 337 -4.14 -9.56 6.90
CA LEU A 337 -3.96 -9.02 8.24
C LEU A 337 -4.79 -9.80 9.26
N ASP A 338 -6.00 -10.21 8.88
CA ASP A 338 -6.88 -10.93 9.82
C ASP A 338 -6.43 -12.37 10.05
N ASN A 339 -5.62 -12.93 9.16
CA ASN A 339 -5.14 -14.29 9.33
C ASN A 339 -3.71 -14.34 9.87
N LYS A 340 -3.24 -13.24 10.46
CA LYS A 340 -1.99 -13.23 11.19
C LYS A 340 -0.81 -13.63 10.30
N ARG A 341 -0.74 -13.03 9.11
CA ARG A 341 0.32 -13.29 8.14
C ARG A 341 1.15 -12.04 7.91
N ALA A 342 2.40 -12.25 7.46
CA ALA A 342 3.27 -11.17 7.05
C ALA A 342 3.06 -10.87 5.56
N ILE A 343 3.49 -9.67 5.15
CA ILE A 343 3.07 -9.08 3.88
C ILE A 343 4.27 -8.55 3.10
N GLY A 344 4.50 -9.12 1.93
CA GLY A 344 5.38 -8.53 0.93
C GLY A 344 4.56 -7.95 -0.21
N ILE A 345 4.94 -6.75 -0.67
CA ILE A 345 4.26 -6.07 -1.77
C ILE A 345 5.19 -6.02 -2.98
N PHE A 346 4.67 -6.36 -4.14
N PHE A 346 4.70 -6.39 -4.16
CA PHE A 346 5.36 -6.14 -5.39
CA PHE A 346 5.50 -6.15 -5.37
C PHE A 346 4.76 -4.87 -6.00
C PHE A 346 4.88 -4.97 -6.13
N TRP A 347 5.58 -3.83 -6.10
CA TRP A 347 5.16 -2.60 -6.74
C TRP A 347 5.51 -2.62 -8.22
N GLN A 348 4.67 -1.96 -9.02
CA GLN A 348 4.89 -1.94 -10.47
C GLN A 348 4.39 -0.63 -11.04
N GLY A 349 5.04 -0.18 -12.11
CA GLY A 349 4.64 1.04 -12.79
C GLY A 349 5.77 1.76 -13.48
N SER A 350 5.87 3.07 -13.26
CA SER A 350 6.94 3.88 -13.85
C SER A 350 7.48 4.84 -12.80
N LYS A 351 8.80 4.87 -12.67
CA LYS A 351 9.50 5.87 -11.84
C LYS A 351 10.41 6.63 -12.81
N GLY A 352 9.95 7.80 -13.24
CA GLY A 352 10.54 8.46 -14.38
C GLY A 352 10.06 7.80 -15.67
N ASN A 353 10.73 8.14 -16.76
CA ASN A 353 10.45 7.52 -18.05
C ASN A 353 11.05 6.11 -18.18
N ARG A 354 11.04 5.34 -17.09
CA ARG A 354 11.61 4.01 -17.05
C ARG A 354 10.65 3.07 -16.34
N PRO A 355 10.60 1.80 -16.76
CA PRO A 355 9.78 0.83 -16.02
C PRO A 355 10.26 0.67 -14.59
N TYR A 356 9.32 0.34 -13.71
CA TYR A 356 9.61 0.23 -12.28
C TYR A 356 9.02 -1.07 -11.74
N GLN A 357 9.83 -1.78 -10.98
CA GLN A 357 9.40 -2.96 -10.23
C GLN A 357 10.24 -2.98 -8.97
N HIS A 358 9.61 -3.38 -7.86
CA HIS A 358 10.30 -3.29 -6.58
C HIS A 358 9.50 -4.07 -5.55
N ALA A 359 10.18 -4.82 -4.70
CA ALA A 359 9.54 -5.49 -3.59
C ALA A 359 9.76 -4.69 -2.32
N VAL A 360 8.71 -4.56 -1.50
CA VAL A 360 8.81 -3.93 -0.19
C VAL A 360 8.00 -4.76 0.82
N THR A 361 8.20 -4.47 2.10
CA THR A 361 7.49 -5.17 3.17
C THR A 361 6.42 -4.24 3.74
N CYS A 362 5.22 -4.77 3.97
CA CYS A 362 4.15 -3.99 4.61
C CYS A 362 3.90 -4.53 6.01
N TRP A 363 3.93 -3.63 7.01
CA TRP A 363 3.70 -4.01 8.38
C TRP A 363 2.35 -3.55 8.92
N GLY A 364 1.59 -2.79 8.14
CA GLY A 364 0.26 -2.42 8.61
C GLY A 364 -0.38 -1.41 7.69
N ALA A 365 -1.64 -1.08 8.01
CA ALA A 365 -2.44 -0.21 7.16
C ALA A 365 -3.33 0.69 8.00
N ALA A 366 -3.61 1.89 7.45
CA ALA A 366 -4.55 2.84 8.03
C ALA A 366 -5.89 2.77 7.30
N TYR A 367 -6.98 2.96 8.06
CA TYR A 367 -8.34 2.87 7.52
C TYR A 367 -9.14 4.12 7.90
N ASP A 368 -9.98 4.60 6.98
CA ASP A 368 -10.91 5.66 7.32
C ASP A 368 -12.19 5.05 7.92
N GLU A 369 -13.14 5.89 8.29
CA GLU A 369 -14.36 5.43 8.95
C GLU A 369 -15.25 4.58 8.05
N ASP A 370 -15.08 4.66 6.73
CA ASP A 370 -15.75 3.76 5.81
C ASP A 370 -14.99 2.45 5.60
N ASN A 371 -13.89 2.26 6.33
CA ASN A 371 -12.99 1.11 6.22
C ASN A 371 -12.27 1.06 4.87
N ASN A 372 -12.19 2.17 4.16
CA ASN A 372 -11.28 2.26 3.02
C ASN A 372 -9.85 2.25 3.53
N ILE A 373 -8.97 1.54 2.83
CA ILE A 373 -7.55 1.58 3.18
C ILE A 373 -6.93 2.82 2.56
N ILE A 374 -6.29 3.65 3.38
CA ILE A 374 -5.82 4.96 2.95
C ILE A 374 -4.31 5.11 3.04
N CYS A 375 -3.60 4.22 3.74
CA CYS A 375 -2.17 4.37 3.89
C CYS A 375 -1.59 3.03 4.31
N LEU A 376 -0.37 2.77 3.85
CA LEU A 376 0.39 1.58 4.23
C LEU A 376 1.67 2.00 4.92
N TYR A 377 2.17 1.13 5.80
CA TYR A 377 3.41 1.42 6.53
C TYR A 377 4.47 0.44 6.03
N ILE A 378 5.50 0.97 5.38
CA ILE A 378 6.34 0.20 4.47
C ILE A 378 7.78 0.16 4.99
N ALA A 379 8.36 -1.03 5.03
CA ALA A 379 9.81 -1.17 5.11
C ALA A 379 10.35 -1.16 3.70
N GLU A 380 11.06 -0.09 3.35
CA GLU A 380 11.56 0.17 2.01
C GLU A 380 13.09 0.08 2.07
N SER A 381 13.66 -1.01 1.57
CA SER A 381 15.09 -1.24 1.76
C SER A 381 15.96 -0.26 0.97
N ASN A 382 15.38 0.47 0.00
CA ASN A 382 16.06 1.52 -0.74
C ASN A 382 16.14 2.82 0.04
N LEU A 383 15.27 3.03 1.01
CA LEU A 383 15.24 4.35 1.64
C LEU A 383 16.14 4.38 2.87
N PRO A 384 16.65 5.56 3.23
CA PRO A 384 17.78 5.62 4.17
C PRO A 384 17.43 5.47 5.65
N GLU A 385 16.27 5.92 6.11
CA GLU A 385 16.08 5.99 7.55
C GLU A 385 15.65 4.64 8.14
N ALA A 386 16.05 4.41 9.39
CA ALA A 386 15.68 3.19 10.09
C ALA A 386 14.27 3.35 10.67
N VAL A 387 13.30 3.39 9.76
CA VAL A 387 11.90 3.64 10.05
C VAL A 387 11.05 2.87 9.06
N LEU A 388 9.76 2.76 9.35
CA LEU A 388 8.78 2.46 8.31
C LEU A 388 8.25 3.78 7.75
N TYR A 389 8.10 3.83 6.43
CA TYR A 389 7.62 5.03 5.74
C TYR A 389 6.14 4.88 5.40
N PRO A 390 5.35 5.94 5.53
CA PRO A 390 3.95 5.90 5.07
C PRO A 390 3.87 6.05 3.56
N PHE A 391 3.10 5.16 2.93
CA PHE A 391 2.80 5.30 1.50
C PHE A 391 1.28 5.42 1.39
N GLY A 392 0.84 6.58 0.95
CA GLY A 392 -0.58 6.80 0.78
C GLY A 392 -1.16 5.91 -0.30
N VAL A 393 -2.44 5.59 -0.14
CA VAL A 393 -3.16 4.76 -1.11
C VAL A 393 -4.10 5.65 -1.92
N ARG A 394 -4.03 5.54 -3.25
CA ARG A 394 -4.89 6.28 -4.16
C ARG A 394 -5.40 5.32 -5.22
N TYR A 395 -6.60 5.62 -5.72
N TYR A 395 -6.64 5.50 -5.65
CA TYR A 395 -7.24 4.91 -6.81
CA TYR A 395 -7.22 4.56 -6.59
C TYR A 395 -7.68 5.95 -7.84
C TYR A 395 -7.58 5.30 -7.87
N LYS A 396 -7.24 5.79 -9.09
N LYS A 396 -7.41 4.62 -9.01
CA LYS A 396 -7.33 6.83 -10.11
CA LYS A 396 -7.33 5.31 -10.30
C LYS A 396 -8.72 6.97 -10.72
C LYS A 396 -8.55 6.18 -10.57
N GLY A 397 -9.64 6.02 -10.49
N GLY A 397 -9.74 5.57 -10.62
CA GLY A 397 -10.99 6.10 -10.96
CA GLY A 397 -10.94 6.33 -10.90
C GLY A 397 -11.98 6.19 -9.82
C GLY A 397 -11.98 6.26 -9.81
N ASN A 398 -13.25 6.35 -10.18
CA ASN A 398 -14.34 6.39 -9.22
C ASN A 398 -14.33 5.15 -8.33
N ILE A 399 -14.23 5.37 -7.02
CA ILE A 399 -14.25 4.22 -6.11
C ILE A 399 -15.66 3.76 -5.79
N TYR A 400 -16.66 4.55 -6.14
CA TYR A 400 -18.05 4.19 -5.90
C TYR A 400 -18.66 3.43 -7.06
N GLU A 401 -18.26 3.75 -8.29
CA GLU A 401 -18.64 3.01 -9.49
C GLU A 401 -17.35 2.39 -10.07
N GLU A 402 -16.85 1.35 -9.39
N GLU A 402 -16.86 1.35 -9.40
CA GLU A 402 -15.55 0.79 -9.75
CA GLU A 402 -15.55 0.80 -9.75
C GLU A 402 -15.58 0.22 -11.16
C GLU A 402 -15.57 0.20 -11.15
N ALA A 403 -14.53 0.50 -11.91
CA ALA A 403 -14.34 -0.07 -13.24
C ALA A 403 -13.56 -1.38 -13.11
N GLU A 404 -13.55 -2.17 -14.20
CA GLU A 404 -12.91 -3.48 -14.18
C GLU A 404 -11.46 -3.43 -13.71
N LYS A 405 -10.80 -2.28 -13.86
CA LYS A 405 -9.46 -2.06 -13.33
C LYS A 405 -9.44 -0.72 -12.65
N ASN A 406 -9.07 -0.69 -11.37
CA ASN A 406 -8.97 0.53 -10.59
C ASN A 406 -7.80 0.34 -9.63
N ARG A 407 -6.59 0.33 -10.20
CA ARG A 407 -5.39 -0.05 -9.46
C ARG A 407 -5.17 0.84 -8.24
N THR A 408 -4.38 0.31 -7.31
CA THR A 408 -4.07 0.93 -6.03
C THR A 408 -2.72 1.62 -6.14
N TYR A 409 -2.74 2.88 -6.53
CA TYR A 409 -1.54 3.69 -6.68
C TYR A 409 -1.02 4.14 -5.32
N MET A 410 0.26 4.51 -5.30
CA MET A 410 0.98 4.91 -4.10
C MET A 410 1.24 6.41 -4.10
N PHE A 411 0.93 7.09 -3.00
CA PHE A 411 1.42 8.45 -2.77
C PHE A 411 2.69 8.34 -1.92
N ASN A 412 3.75 9.01 -2.35
CA ASN A 412 5.08 8.80 -1.78
C ASN A 412 5.37 10.00 -0.90
N TYR A 413 5.07 9.88 0.38
CA TYR A 413 5.19 11.04 1.23
C TYR A 413 6.65 11.48 1.37
N ALA A 414 7.58 10.52 1.33
CA ALA A 414 9.00 10.87 1.46
C ALA A 414 9.48 11.75 0.31
N LEU A 415 8.91 11.55 -0.89
CA LEU A 415 9.20 12.41 -2.03
C LEU A 415 8.15 13.49 -2.23
N SER A 416 7.08 13.48 -1.44
CA SER A 416 6.01 14.47 -1.49
C SER A 416 5.34 14.54 -2.85
N LYS A 417 5.10 13.38 -3.45
CA LYS A 417 4.53 13.39 -4.79
C LYS A 417 3.80 12.07 -5.04
N PRO A 418 2.74 12.10 -5.85
CA PRO A 418 2.22 10.84 -6.39
C PRO A 418 3.22 10.27 -7.37
N GLU A 419 3.16 8.95 -7.54
CA GLU A 419 3.96 8.26 -8.53
C GLU A 419 3.07 7.27 -9.25
N ASN A 420 3.37 7.05 -10.53
CA ASN A 420 2.64 6.03 -11.28
C ASN A 420 3.12 4.65 -10.86
N ILE A 421 3.06 4.39 -9.55
CA ILE A 421 3.47 3.13 -8.95
C ILE A 421 2.25 2.53 -8.27
N TYR A 422 1.90 1.30 -8.65
CA TYR A 422 0.75 0.65 -8.05
C TYR A 422 1.13 -0.73 -7.53
N ILE A 423 0.21 -1.28 -6.74
CA ILE A 423 0.40 -2.58 -6.09
C ILE A 423 -0.10 -3.66 -7.04
N ASP A 424 0.83 -4.43 -7.60
N ASP A 424 0.82 -4.44 -7.62
CA ASP A 424 0.44 -5.51 -8.49
CA ASP A 424 0.38 -5.51 -8.50
C ASP A 424 -0.07 -6.72 -7.73
C ASP A 424 -0.11 -6.72 -7.72
N GLY A 425 0.41 -6.95 -6.52
CA GLY A 425 -0.06 -8.05 -5.72
C GLY A 425 0.75 -8.19 -4.45
N LEU A 426 0.38 -9.22 -3.67
CA LEU A 426 1.05 -9.51 -2.41
C LEU A 426 1.64 -10.90 -2.45
N THR A 427 2.80 -11.05 -1.82
CA THR A 427 3.35 -12.35 -1.43
C THR A 427 3.27 -12.41 0.09
N THR A 428 2.59 -13.42 0.61
CA THR A 428 2.31 -13.48 2.03
C THR A 428 2.98 -14.70 2.65
N LEU A 429 3.30 -14.59 3.94
CA LEU A 429 3.92 -15.69 4.68
C LEU A 429 3.10 -15.99 5.92
N ASP A 430 2.57 -17.20 5.98
CA ASP A 430 1.73 -17.67 7.06
C ASP A 430 2.60 -18.36 8.12
N LYS A 431 2.14 -18.33 9.37
CA LYS A 431 2.88 -18.99 10.45
C LYS A 431 3.05 -20.48 10.19
N GLY A 432 2.12 -21.11 9.48
CA GLY A 432 2.19 -22.55 9.27
C GLY A 432 1.88 -23.35 10.51
N GLU A 433 0.89 -22.93 11.30
N GLU A 433 0.90 -22.92 11.30
CA GLU A 433 0.60 -23.56 12.58
CA GLU A 433 0.64 -23.53 12.60
C GLU A 433 0.22 -25.03 12.42
C GLU A 433 0.21 -24.99 12.48
N ASP A 434 -0.72 -25.33 11.51
N ASP A 434 -0.68 -25.29 11.53
CA ASP A 434 -1.15 -26.72 11.36
CA ASP A 434 -1.13 -26.67 11.38
C ASP A 434 0.00 -27.62 10.92
C ASP A 434 0.00 -27.59 10.94
N GLN A 435 0.87 -27.11 10.04
CA GLN A 435 1.99 -27.93 9.61
C GLN A 435 2.97 -28.15 10.76
N TRP A 436 3.23 -27.11 11.54
CA TRP A 436 4.10 -27.24 12.71
C TRP A 436 3.51 -28.20 13.72
N LYS A 437 2.19 -28.13 13.95
N LYS A 437 2.20 -28.12 13.95
CA LYS A 437 1.57 -29.02 14.91
CA LYS A 437 1.55 -29.02 14.90
C LYS A 437 1.68 -30.48 14.48
C LYS A 437 1.69 -30.48 14.48
N LYS A 438 1.49 -30.76 13.18
CA LYS A 438 1.59 -32.14 12.71
C LYS A 438 3.02 -32.64 12.82
N TRP A 439 4.00 -31.77 12.57
CA TRP A 439 5.40 -32.16 12.75
C TRP A 439 5.68 -32.50 14.20
N LEU A 440 5.26 -31.62 15.12
CA LEU A 440 5.53 -31.86 16.54
C LEU A 440 4.81 -33.11 17.04
N GLU A 441 3.58 -33.35 16.58
CA GLU A 441 2.87 -34.56 16.99
C GLU A 441 3.58 -35.81 16.51
N ALA A 442 4.22 -35.77 15.35
CA ALA A 442 4.96 -36.92 14.86
C ALA A 442 6.35 -37.08 15.47
N HIS A 443 6.77 -36.15 16.33
CA HIS A 443 8.07 -36.23 17.00
C HIS A 443 7.89 -36.26 18.52
N GLN A 444 6.89 -36.99 18.98
CA GLN A 444 6.67 -37.15 20.42
C GLN A 444 7.34 -38.41 20.95
C1 EDO B . -4.20 10.42 1.33
O1 EDO B . -4.91 11.07 0.30
C2 EDO B . -3.56 9.18 0.79
O2 EDO B . -4.57 8.42 0.14
C1 EDO C . 24.59 -10.28 11.81
O1 EDO C . 25.57 -11.29 11.61
C2 EDO C . 24.02 -10.44 13.19
O2 EDO C . 23.99 -11.81 13.49
P PO4 D . 15.28 -3.98 -6.85
O1 PO4 D . 16.02 -2.74 -7.49
O2 PO4 D . 15.35 -5.19 -7.84
O3 PO4 D . 16.06 -4.34 -5.53
O4 PO4 D . 13.78 -3.63 -6.57
C1 EDO E . -32.49 32.61 -4.48
O1 EDO E . -31.15 33.01 -4.58
C2 EDO E . -33.13 32.50 -5.85
O2 EDO E . -34.31 31.76 -5.67
NA NA F . 16.34 -0.73 -6.60
NA NA G . -27.85 8.08 -4.83
C1 EDO H . 25.68 1.32 17.87
O1 EDO H . 25.17 2.47 17.23
C2 EDO H . 26.79 0.76 17.01
O2 EDO H . 26.45 0.76 15.64
C1 EDO I . 17.23 -10.99 18.02
O1 EDO I . 18.44 -10.29 17.79
C2 EDO I . 16.15 -10.66 17.03
O2 EDO I . 15.72 -9.31 17.14
C1 EDO J . -10.10 8.42 -4.71
O1 EDO J . -10.17 8.73 -6.09
C2 EDO J . -8.69 8.58 -4.18
O2 EDO J . -7.71 8.09 -5.08
C1 EDO K . -28.36 26.24 -24.90
O1 EDO K . -28.95 26.94 -25.97
C2 EDO K . -29.31 25.18 -24.39
O2 EDO K . -30.32 25.71 -23.55
C1 EDO L . -30.60 10.16 -11.34
O1 EDO L . -30.53 11.57 -11.33
C2 EDO L . -30.81 9.68 -9.93
O2 EDO L . -29.75 10.15 -9.12
#